data_5HXT
#
_entry.id   5HXT
#
_cell.length_a   59.981
_cell.length_b   66.321
_cell.length_c   128.939
_cell.angle_alpha   90.00
_cell.angle_beta   90.00
_cell.angle_gamma   90.00
#
_symmetry.space_group_name_H-M   'P 21 21 21'
#
loop_
_entity.id
_entity.type
_entity.pdbx_description
1 polymer '(2Z,6Z)-farnesyl diphosphate synthase, chloroplastic'
2 non-polymer 'MAGNESIUM ION'
3 non-polymer 'DIMETHYLALLYL S-THIOLODIPHOSPHATE'
4 non-polymer 'ISOPENTYL PYROPHOSPHATE'
5 non-polymer 1,4,7,10,13,16-HEXAOXACYCLOOCTADECANE
6 water water
#
_entity_poly.entity_id   1
_entity_poly.type   'polypeptide(L)'
_entity_poly.pdbx_seq_one_letter_code
;MLDEALMPKHIALIMDGNRRWAKDKGLDVSEGYKHLFPKLKEICDISSKLGIQVITAFAFSTENWKRAKGEVDFLMQMFE
ELYDEFSRSGVRVSIIGCKTDLPMTLQKCIALTEETTKGNKGLHLVIALNYGGYYDILQATKSIVNKAMNGLLDVEDINK
NLFDQELESKCPNPDLLIRTGGDQRVSNFLLWQLAYTEFYFTKTLFPDFGEEDLKEAIINFQQRHRRFGGHTY
;
_entity_poly.pdbx_strand_id   A,B
#
# COMPACT_ATOMS: atom_id res chain seq x y z
N LEU A 6 -4.83 -8.90 21.40
CA LEU A 6 -3.55 -8.63 22.14
C LEU A 6 -2.61 -7.70 21.34
N MET A 7 -1.32 -7.72 21.65
CA MET A 7 -0.40 -6.71 21.20
C MET A 7 0.09 -6.96 19.78
N PRO A 8 0.14 -5.91 18.94
CA PRO A 8 0.81 -6.07 17.65
C PRO A 8 2.31 -6.23 17.87
N LYS A 9 2.92 -7.19 17.21
CA LYS A 9 4.35 -7.45 17.37
C LYS A 9 5.24 -6.50 16.56
N HIS A 10 4.74 -6.01 15.42
CA HIS A 10 5.50 -5.12 14.56
C HIS A 10 4.65 -3.91 14.21
N ILE A 11 5.11 -2.73 14.60
CA ILE A 11 4.44 -1.48 14.25
C ILE A 11 5.28 -0.70 13.25
N ALA A 12 4.64 -0.26 12.18
CA ALA A 12 5.27 0.62 11.20
C ALA A 12 4.80 2.02 11.51
N LEU A 13 5.70 2.96 11.33
CA LEU A 13 5.51 4.30 11.81
C LEU A 13 5.91 5.28 10.74
N ILE A 14 4.95 6.05 10.22
CA ILE A 14 5.31 7.16 9.35
C ILE A 14 5.35 8.44 10.17
N MET A 15 6.57 8.96 10.35
CA MET A 15 6.85 10.05 11.29
C MET A 15 6.68 11.44 10.70
N ASP A 16 5.47 11.74 10.26
CA ASP A 16 5.14 12.96 9.50
C ASP A 16 4.62 14.08 10.42
N GLY A 17 4.75 15.31 9.95
CA GLY A 17 4.19 16.48 10.67
C GLY A 17 5.19 17.37 11.39
N ASN A 18 6.50 17.09 11.26
CA ASN A 18 7.52 17.82 12.02
C ASN A 18 7.69 19.26 11.56
N ARG A 19 7.63 19.51 10.27
CA ARG A 19 7.77 20.88 9.75
C ARG A 19 6.55 21.76 10.04
N ARG A 20 5.36 21.22 9.79
CA ARG A 20 4.12 21.88 10.15
C ARG A 20 4.08 22.21 11.64
N TRP A 21 4.54 21.27 12.46
CA TRP A 21 4.58 21.48 13.90
C TRP A 21 5.36 22.76 14.24
N ALA A 22 6.55 22.88 13.66
CA ALA A 22 7.41 24.04 13.87
C ALA A 22 6.82 25.33 13.30
N LYS A 23 6.43 25.30 12.03
CA LYS A 23 5.90 26.49 11.37
C LYS A 23 4.65 27.03 12.06
N ASP A 24 3.72 26.15 12.44
CA ASP A 24 2.51 26.56 13.14
C ASP A 24 2.84 27.18 14.49
N LYS A 25 3.90 26.71 15.15
CA LYS A 25 4.34 27.29 16.42
C LYS A 25 5.20 28.55 16.26
N GLY A 26 5.61 28.84 15.03
CA GLY A 26 6.46 30.01 14.74
C GLY A 26 7.91 29.76 15.03
N LEU A 27 8.29 28.49 15.06
CA LEU A 27 9.65 28.05 15.28
C LEU A 27 10.31 27.80 13.95
N ASP A 28 11.64 27.73 13.96
CA ASP A 28 12.36 27.37 12.76
C ASP A 28 12.10 25.89 12.49
N VAL A 29 12.00 25.54 11.22
CA VAL A 29 11.70 24.17 10.82
C VAL A 29 12.63 23.15 11.52
N SER A 30 13.88 23.54 11.73
CA SER A 30 14.88 22.72 12.41
C SER A 30 14.47 22.32 13.83
N GLU A 31 13.67 23.14 14.49
CA GLU A 31 13.15 22.80 15.80
C GLU A 31 12.26 21.58 15.72
N GLY A 32 11.46 21.51 14.65
CA GLY A 32 10.60 20.36 14.42
C GLY A 32 11.42 19.08 14.32
N TYR A 33 12.45 19.14 13.50
CA TYR A 33 13.27 17.98 13.23
C TYR A 33 14.06 17.49 14.44
N LYS A 34 14.42 18.38 15.35
CA LYS A 34 15.20 17.98 16.54
C LYS A 34 14.44 17.09 17.51
N HIS A 35 13.10 17.08 17.39
CA HIS A 35 12.30 16.19 18.19
C HIS A 35 12.19 14.79 17.61
N LEU A 36 12.77 14.56 16.43
CA LEU A 36 12.53 13.31 15.70
C LEU A 36 13.07 12.12 16.45
N PHE A 37 14.38 12.11 16.70
CA PHE A 37 15.01 10.95 17.35
C PHE A 37 14.65 10.79 18.83
N PRO A 38 14.64 11.88 19.62
CA PRO A 38 14.14 11.78 21.01
C PRO A 38 12.72 11.22 21.09
N LYS A 39 11.80 11.74 20.27
CA LYS A 39 10.46 11.21 20.24
C LYS A 39 10.44 9.73 19.89
N LEU A 40 11.16 9.36 18.84
CA LEU A 40 11.18 7.97 18.38
C LEU A 40 11.73 7.02 19.44
N LYS A 41 12.83 7.43 20.06
CA LYS A 41 13.42 6.76 21.24
C LYS A 41 12.37 6.56 22.36
N GLU A 42 11.68 7.64 22.71
CA GLU A 42 10.61 7.59 23.70
C GLU A 42 9.51 6.59 23.34
N ILE A 43 9.17 6.50 22.05
CA ILE A 43 8.17 5.53 21.57
C ILE A 43 8.69 4.10 21.65
N CYS A 44 9.98 3.94 21.40
CA CYS A 44 10.62 2.63 21.56
C CYS A 44 10.57 2.14 23.02
N ASP A 45 10.82 3.04 23.96
CA ASP A 45 10.78 2.70 25.39
C ASP A 45 9.38 2.29 25.82
N ILE A 46 8.39 3.09 25.40
CA ILE A 46 6.99 2.82 25.72
C ILE A 46 6.57 1.51 25.07
N SER A 47 6.95 1.31 23.81
CA SER A 47 6.55 0.12 23.08
C SER A 47 7.21 -1.13 23.66
N SER A 48 8.44 -0.98 24.13
CA SER A 48 9.19 -2.09 24.71
C SER A 48 8.48 -2.62 25.96
N LYS A 49 8.04 -1.71 26.82
CA LYS A 49 7.34 -2.10 28.05
C LYS A 49 6.02 -2.83 27.74
N LEU A 50 5.33 -2.42 26.68
CA LEU A 50 4.07 -3.07 26.29
C LEU A 50 4.25 -4.43 25.58
N GLY A 51 5.48 -4.81 25.30
CA GLY A 51 5.76 -6.10 24.65
C GLY A 51 5.75 -6.08 23.12
N ILE A 52 5.95 -4.91 22.52
CA ILE A 52 6.07 -4.81 21.06
C ILE A 52 7.51 -5.16 20.68
N GLN A 53 7.68 -5.99 19.65
CA GLN A 53 9.01 -6.49 19.29
C GLN A 53 9.75 -5.66 18.23
N VAL A 54 9.03 -5.14 17.23
CA VAL A 54 9.64 -4.38 16.13
C VAL A 54 8.91 -3.07 15.87
N ILE A 55 9.67 -2.01 15.65
CA ILE A 55 9.18 -0.75 15.10
C ILE A 55 9.97 -0.43 13.82
N THR A 56 9.26 -0.18 12.72
CA THR A 56 9.90 0.26 11.49
C THR A 56 9.43 1.69 11.25
N ALA A 57 10.38 2.62 11.25
CA ALA A 57 10.09 4.05 11.28
C ALA A 57 10.62 4.76 10.04
N PHE A 58 9.74 5.48 9.35
CA PHE A 58 10.11 6.17 8.10
C PHE A 58 10.68 7.55 8.43
N ALA A 59 11.98 7.71 8.24
CA ALA A 59 12.68 8.94 8.62
C ALA A 59 13.03 9.85 7.43
N PHE A 60 13.26 9.25 6.26
CA PHE A 60 13.65 10.01 5.08
C PHE A 60 13.41 9.14 3.87
N SER A 61 12.55 9.57 2.96
CA SER A 61 12.24 8.79 1.77
C SER A 61 13.17 9.17 0.65
N THR A 62 13.23 8.31 -0.36
CA THR A 62 14.05 8.56 -1.53
C THR A 62 13.61 9.79 -2.32
N GLU A 63 12.41 10.30 -2.05
CA GLU A 63 11.91 11.52 -2.68
C GLU A 63 12.27 12.79 -1.89
N ASN A 64 12.69 12.67 -0.63
CA ASN A 64 12.95 13.88 0.19
C ASN A 64 14.23 14.65 -0.20
N TRP A 65 15.01 14.12 -1.15
CA TRP A 65 16.15 14.86 -1.68
C TRP A 65 15.69 16.11 -2.41
N LYS A 66 14.43 16.12 -2.86
CA LYS A 66 13.87 17.27 -3.57
C LYS A 66 13.47 18.44 -2.66
N ARG A 67 13.50 18.25 -1.34
CA ARG A 67 13.29 19.36 -0.41
C ARG A 67 14.38 20.41 -0.54
N ALA A 68 14.12 21.57 0.07
CA ALA A 68 15.05 22.69 0.11
C ALA A 68 16.41 22.24 0.61
N LYS A 69 17.45 22.61 -0.13
CA LYS A 69 18.82 22.17 0.17
C LYS A 69 19.21 22.43 1.63
N GLY A 70 18.81 23.58 2.16
CA GLY A 70 19.09 23.91 3.56
C GLY A 70 18.49 22.91 4.54
N GLU A 71 17.30 22.41 4.23
CA GLU A 71 16.63 21.44 5.09
C GLU A 71 17.22 20.04 4.95
N VAL A 72 17.55 19.66 3.72
CA VAL A 72 18.19 18.37 3.46
C VAL A 72 19.57 18.33 4.15
N ASP A 73 20.31 19.42 4.03
CA ASP A 73 21.61 19.53 4.66
C ASP A 73 21.48 19.45 6.18
N PHE A 74 20.51 20.18 6.74
CA PHE A 74 20.25 20.09 8.19
C PHE A 74 19.92 18.67 8.63
N LEU A 75 19.04 18.00 7.88
CA LEU A 75 18.59 16.65 8.25
C LEU A 75 19.74 15.66 8.20
N MET A 76 20.62 15.82 7.22
CA MET A 76 21.74 14.89 7.05
C MET A 76 22.78 15.03 8.18
N GLN A 77 23.15 16.27 8.55
CA GLN A 77 23.93 16.48 9.80
C GLN A 77 23.21 15.89 11.01
N MET A 78 21.93 16.25 11.19
CA MET A 78 21.15 15.79 12.36
C MET A 78 21.09 14.27 12.48
N PHE A 79 21.00 13.56 11.35
CA PHE A 79 20.89 12.09 11.36
C PHE A 79 22.14 11.41 11.97
N GLU A 80 23.26 12.14 12.02
CA GLU A 80 24.47 11.65 12.68
C GLU A 80 24.32 11.54 14.20
N GLU A 81 23.32 12.22 14.77
CA GLU A 81 23.02 12.11 16.21
C GLU A 81 22.40 10.78 16.58
N LEU A 82 22.19 9.92 15.59
CA LEU A 82 21.63 8.59 15.79
C LEU A 82 22.40 7.80 16.85
N TYR A 83 23.72 7.86 16.79
CA TYR A 83 24.57 7.05 17.66
C TYR A 83 24.37 7.43 19.14
N ASP A 84 24.43 8.72 19.44
CA ASP A 84 24.19 9.20 20.81
C ASP A 84 22.84 8.79 21.35
N GLU A 85 21.80 8.90 20.51
CA GLU A 85 20.44 8.62 20.96
C GLU A 85 20.21 7.14 21.28
N PHE A 86 20.83 6.24 20.52
CA PHE A 86 20.47 4.82 20.62
C PHE A 86 21.60 3.86 21.00
N SER A 87 22.86 4.28 20.95
CA SER A 87 23.97 3.35 21.25
C SER A 87 23.76 2.66 22.60
N ARG A 88 23.47 3.46 23.63
CA ARG A 88 23.33 2.98 25.01
C ARG A 88 21.88 2.75 25.44
N SER A 89 20.96 2.55 24.48
CA SER A 89 19.52 2.53 24.78
C SER A 89 18.96 1.14 25.06
N GLY A 90 19.68 0.09 24.68
CA GLY A 90 19.14 -1.27 24.76
C GLY A 90 18.27 -1.68 23.58
N VAL A 91 18.04 -0.75 22.65
CA VAL A 91 17.30 -1.03 21.41
C VAL A 91 18.30 -1.56 20.40
N ARG A 92 17.90 -2.56 19.62
CA ARG A 92 18.72 -3.04 18.49
C ARG A 92 18.34 -2.24 17.23
N VAL A 93 19.31 -1.54 16.64
CA VAL A 93 19.05 -0.60 15.55
C VAL A 93 19.57 -1.10 14.20
N SER A 94 18.68 -1.22 13.22
CA SER A 94 19.05 -1.40 11.82
C SER A 94 18.53 -0.24 10.98
N ILE A 95 19.29 0.11 9.95
CA ILE A 95 18.88 1.08 8.94
C ILE A 95 18.59 0.32 7.66
N ILE A 96 17.42 0.58 7.06
CA ILE A 96 17.16 0.16 5.68
C ILE A 96 17.08 1.38 4.75
N GLY A 97 17.38 1.13 3.48
CA GLY A 97 17.46 2.20 2.49
C GLY A 97 18.83 2.23 1.87
N CYS A 98 18.99 3.14 0.90
CA CYS A 98 20.23 3.24 0.16
C CYS A 98 21.26 4.06 0.94
N LYS A 99 22.14 3.36 1.63
CA LYS A 99 23.14 3.99 2.47
C LYS A 99 24.26 4.65 1.67
N THR A 100 24.59 4.11 0.49
CA THR A 100 25.70 4.64 -0.30
C THR A 100 25.46 6.06 -0.86
N ASP A 101 24.20 6.52 -0.86
CA ASP A 101 23.92 7.93 -1.25
C ASP A 101 24.14 8.92 -0.12
N LEU A 102 24.26 8.43 1.10
CA LEU A 102 24.39 9.29 2.25
C LEU A 102 25.82 9.80 2.37
N PRO A 103 26.02 10.99 2.98
CA PRO A 103 27.38 11.43 3.27
C PRO A 103 28.16 10.35 4.05
N MET A 104 29.45 10.23 3.77
CA MET A 104 30.23 9.14 4.34
C MET A 104 30.29 9.21 5.88
N THR A 105 30.36 10.41 6.45
CA THR A 105 30.27 10.55 7.91
C THR A 105 29.02 9.84 8.41
N LEU A 106 27.89 10.13 7.77
CA LEU A 106 26.63 9.51 8.14
C LEU A 106 26.65 7.99 7.93
N GLN A 107 27.24 7.52 6.82
CA GLN A 107 27.34 6.07 6.62
C GLN A 107 28.13 5.38 7.75
N LYS A 108 29.20 6.03 8.22
CA LYS A 108 30.04 5.49 9.30
C LYS A 108 29.26 5.47 10.60
N CYS A 109 28.63 6.60 10.92
CA CYS A 109 27.76 6.73 12.08
C CYS A 109 26.68 5.63 12.12
N ILE A 110 26.00 5.42 11.00
CA ILE A 110 25.00 4.36 10.91
C ILE A 110 25.57 2.97 11.15
N ALA A 111 26.69 2.67 10.51
CA ALA A 111 27.32 1.35 10.64
C ALA A 111 27.76 1.08 12.09
N LEU A 112 28.28 2.12 12.73
CA LEU A 112 28.68 2.10 14.14
C LEU A 112 27.52 1.80 15.09
N THR A 113 26.36 2.43 14.82
CA THR A 113 25.15 2.23 15.63
C THR A 113 24.59 0.82 15.46
N GLU A 114 24.60 0.32 14.24
CA GLU A 114 24.16 -1.04 13.97
C GLU A 114 25.08 -2.05 14.68
N GLU A 115 26.38 -1.77 14.64
CA GLU A 115 27.40 -2.66 15.23
C GLU A 115 27.31 -2.71 16.75
N THR A 116 27.29 -1.53 17.37
CA THR A 116 27.23 -1.41 18.83
C THR A 116 25.95 -1.93 19.46
N THR A 117 24.85 -1.97 18.69
CA THR A 117 23.55 -2.37 19.22
C THR A 117 23.13 -3.78 18.78
N LYS A 118 23.96 -4.47 17.99
CA LYS A 118 23.55 -5.76 17.40
C LYS A 118 23.39 -6.89 18.42
N GLY A 119 24.05 -6.77 19.57
CA GLY A 119 23.89 -7.73 20.66
C GLY A 119 22.62 -7.53 21.48
N ASN A 120 22.08 -6.32 21.48
CA ASN A 120 20.88 -6.00 22.27
C ASN A 120 19.72 -6.93 21.94
N LYS A 121 18.99 -7.33 22.98
CA LYS A 121 18.03 -8.43 22.88
C LYS A 121 16.59 -7.95 22.88
N GLY A 122 16.37 -6.69 23.24
CA GLY A 122 15.02 -6.13 23.33
C GLY A 122 14.41 -5.72 22.00
N LEU A 123 13.78 -4.54 21.98
CA LEU A 123 13.04 -4.08 20.80
C LEU A 123 13.95 -3.81 19.60
N HIS A 124 13.51 -4.26 18.44
CA HIS A 124 14.23 -4.02 17.19
C HIS A 124 13.67 -2.79 16.44
N LEU A 125 14.46 -1.73 16.39
CA LEU A 125 14.09 -0.51 15.67
C LEU A 125 14.73 -0.50 14.29
N VAL A 126 13.90 -0.59 13.25
CA VAL A 126 14.33 -0.51 11.84
C VAL A 126 14.07 0.91 11.34
N ILE A 127 15.14 1.67 11.08
CA ILE A 127 15.02 3.04 10.61
C ILE A 127 15.17 3.10 9.09
N ALA A 128 14.13 3.60 8.41
CA ALA A 128 14.15 3.70 6.97
C ALA A 128 14.68 5.08 6.56
N LEU A 129 15.88 5.09 6.02
CA LEU A 129 16.58 6.32 5.73
C LEU A 129 17.07 6.23 4.30
N ASN A 130 16.60 7.16 3.45
CA ASN A 130 16.76 7.06 2.01
C ASN A 130 16.14 5.77 1.44
N TYR A 131 14.94 5.49 1.92
CA TYR A 131 14.22 4.27 1.58
C TYR A 131 12.96 4.61 0.78
N GLY A 132 12.57 3.72 -0.11
CA GLY A 132 11.26 3.76 -0.73
C GLY A 132 10.84 2.35 -1.01
N GLY A 133 9.53 2.13 -1.10
CA GLY A 133 9.01 0.81 -1.44
C GLY A 133 9.36 0.40 -2.86
N TYR A 134 9.34 1.36 -3.77
CA TYR A 134 9.76 1.11 -5.14
C TYR A 134 11.20 0.63 -5.15
N TYR A 135 12.06 1.41 -4.49
CA TYR A 135 13.49 1.07 -4.34
C TYR A 135 13.67 -0.36 -3.82
N ASP A 136 12.91 -0.71 -2.79
CA ASP A 136 13.06 -2.02 -2.15
C ASP A 136 12.72 -3.14 -3.16
N ILE A 137 11.59 -2.99 -3.82
CA ILE A 137 11.14 -3.95 -4.82
C ILE A 137 12.11 -4.02 -6.02
N LEU A 138 12.70 -2.89 -6.40
CA LEU A 138 13.65 -2.86 -7.51
C LEU A 138 14.97 -3.55 -7.19
N GLN A 139 15.54 -3.29 -6.03
CA GLN A 139 16.80 -3.97 -5.66
C GLN A 139 16.55 -5.46 -5.51
N ALA A 140 15.41 -5.83 -4.95
CA ALA A 140 15.05 -7.23 -4.87
C ALA A 140 15.03 -7.81 -6.28
N THR A 141 14.28 -7.19 -7.17
CA THR A 141 14.16 -7.66 -8.54
C THR A 141 15.50 -7.81 -9.26
N LYS A 142 16.39 -6.84 -9.10
CA LYS A 142 17.69 -6.89 -9.75
C LYS A 142 18.58 -7.99 -9.18
N SER A 143 18.41 -8.28 -7.90
CA SER A 143 19.08 -9.41 -7.26
C SER A 143 18.55 -10.75 -7.79
N ILE A 144 17.23 -10.84 -7.99
CA ILE A 144 16.59 -12.04 -8.53
C ILE A 144 16.95 -12.27 -10.01
N VAL A 145 17.08 -11.18 -10.77
CA VAL A 145 17.44 -11.29 -12.17
C VAL A 145 18.88 -11.78 -12.27
N ASN A 146 19.77 -11.15 -11.50
CA ASN A 146 21.19 -11.51 -11.47
C ASN A 146 21.39 -13.02 -11.29
N LYS A 147 20.67 -13.59 -10.34
CA LYS A 147 20.77 -14.99 -10.00
C LYS A 147 20.25 -15.90 -11.10
N ALA A 148 19.15 -15.50 -11.74
CA ALA A 148 18.60 -16.24 -12.87
C ALA A 148 19.56 -16.26 -14.07
N MET A 149 20.39 -15.22 -14.17
CA MET A 149 21.38 -15.13 -15.24
C MET A 149 22.62 -15.99 -14.98
N ASN A 150 22.80 -16.41 -13.73
CA ASN A 150 23.90 -17.30 -13.35
C ASN A 150 23.39 -18.65 -12.85
N GLY A 151 22.29 -19.12 -13.43
CA GLY A 151 21.72 -20.44 -13.12
C GLY A 151 21.56 -20.82 -11.66
N LEU A 152 21.46 -19.83 -10.77
CA LEU A 152 21.27 -20.11 -9.33
C LEU A 152 19.80 -20.23 -8.95
N LEU A 153 18.91 -19.88 -9.87
CA LEU A 153 17.49 -20.08 -9.65
C LEU A 153 16.72 -20.08 -10.96
N ASP A 154 15.55 -20.70 -10.94
CA ASP A 154 14.71 -20.82 -12.12
C ASP A 154 13.55 -19.83 -12.04
N VAL A 155 12.84 -19.65 -13.16
CA VAL A 155 11.73 -18.70 -13.23
C VAL A 155 10.53 -19.21 -12.42
N GLU A 156 10.42 -20.53 -12.25
CA GLU A 156 9.34 -21.13 -11.46
C GLU A 156 9.63 -21.09 -9.96
N ASP A 157 10.85 -20.73 -9.57
CA ASP A 157 11.19 -20.54 -8.15
C ASP A 157 10.73 -19.17 -7.62
N ILE A 158 10.33 -18.26 -8.50
CA ILE A 158 10.00 -16.88 -8.09
C ILE A 158 8.62 -16.84 -7.48
N ASN A 159 8.57 -16.61 -6.17
CA ASN A 159 7.31 -16.59 -5.45
C ASN A 159 7.41 -15.64 -4.26
N LYS A 160 6.29 -15.47 -3.55
CA LYS A 160 6.22 -14.56 -2.42
C LYS A 160 7.40 -14.78 -1.47
N ASN A 161 7.65 -16.05 -1.11
CA ASN A 161 8.74 -16.38 -0.20
C ASN A 161 10.09 -15.86 -0.67
N LEU A 162 10.40 -16.04 -1.95
CA LEU A 162 11.67 -15.59 -2.49
C LEU A 162 11.81 -14.07 -2.38
N PHE A 163 10.72 -13.36 -2.62
CA PHE A 163 10.73 -11.89 -2.47
C PHE A 163 10.91 -11.44 -1.03
N ASP A 164 10.22 -12.11 -0.11
CA ASP A 164 10.40 -11.84 1.32
C ASP A 164 11.86 -11.99 1.75
N GLN A 165 12.62 -12.84 1.07
CA GLN A 165 14.04 -13.00 1.34
C GLN A 165 14.85 -11.82 0.82
N GLU A 166 14.54 -11.39 -0.40
CA GLU A 166 15.32 -10.33 -1.08
C GLU A 166 15.06 -8.91 -0.58
N LEU A 167 13.88 -8.68 0.00
CA LEU A 167 13.54 -7.33 0.47
C LEU A 167 14.36 -6.93 1.69
N GLU A 168 14.53 -5.62 1.89
CA GLU A 168 15.29 -5.09 3.03
C GLU A 168 14.49 -5.11 4.32
N SER A 169 13.20 -4.81 4.24
CA SER A 169 12.31 -4.99 5.37
C SER A 169 11.79 -6.42 5.35
N LYS A 170 12.09 -7.16 6.41
CA LYS A 170 11.84 -8.60 6.45
C LYS A 170 10.54 -8.97 7.17
N CYS A 171 10.05 -10.16 6.86
CA CYS A 171 9.05 -10.83 7.70
C CYS A 171 9.53 -11.01 9.14
N PRO A 172 8.61 -10.97 10.11
CA PRO A 172 7.17 -10.72 9.97
C PRO A 172 6.85 -9.25 9.65
N ASN A 173 5.80 -9.04 8.86
CA ASN A 173 5.43 -7.71 8.38
C ASN A 173 4.66 -6.92 9.43
N PRO A 174 4.50 -5.60 9.21
CA PRO A 174 3.81 -4.79 10.21
C PRO A 174 2.36 -5.21 10.41
N ASP A 175 1.95 -5.27 11.68
CA ASP A 175 0.59 -5.57 12.07
C ASP A 175 -0.23 -4.29 11.99
N LEU A 176 0.38 -3.21 12.43
CA LEU A 176 -0.25 -1.90 12.52
C LEU A 176 0.69 -0.88 11.92
N LEU A 177 0.16 -0.01 11.07
CA LEU A 177 0.87 1.17 10.60
C LEU A 177 0.22 2.40 11.23
N ILE A 178 1.05 3.27 11.80
CA ILE A 178 0.58 4.54 12.38
C ILE A 178 1.20 5.69 11.63
N ARG A 179 0.38 6.59 11.09
CA ARG A 179 0.90 7.79 10.45
C ARG A 179 0.38 9.03 11.10
N THR A 180 1.31 9.84 11.60
CA THR A 180 1.01 11.14 12.20
C THR A 180 0.92 12.21 11.12
N GLY A 181 0.35 13.35 11.46
CA GLY A 181 0.31 14.49 10.56
C GLY A 181 -0.97 14.63 9.77
N GLY A 182 -1.88 13.67 9.90
CA GLY A 182 -3.19 13.80 9.28
C GLY A 182 -3.35 13.36 7.84
N ASP A 183 -2.27 13.04 7.12
CA ASP A 183 -2.43 12.61 5.71
C ASP A 183 -2.73 11.10 5.63
N GLN A 184 -3.57 10.71 4.67
CA GLN A 184 -3.93 9.29 4.54
C GLN A 184 -3.35 8.69 3.25
N ARG A 185 -2.05 8.40 3.33
CA ARG A 185 -1.27 7.78 2.26
C ARG A 185 -0.13 6.96 2.90
N VAL A 186 0.49 6.09 2.11
CA VAL A 186 1.70 5.42 2.58
C VAL A 186 2.99 6.05 2.01
N SER A 187 2.86 6.92 1.01
CA SER A 187 3.97 7.72 0.49
C SER A 187 5.23 6.89 0.19
N ASN A 188 5.04 5.80 -0.52
CA ASN A 188 6.12 4.93 -0.95
C ASN A 188 6.96 4.38 0.23
N PHE A 189 6.27 3.99 1.29
CA PHE A 189 6.92 3.35 2.45
C PHE A 189 7.00 1.83 2.16
N LEU A 190 6.54 0.97 3.05
CA LEU A 190 6.75 -0.47 2.91
C LEU A 190 5.71 -1.18 2.03
N LEU A 191 5.71 -0.85 0.74
CA LEU A 191 4.61 -1.25 -0.15
C LEU A 191 4.25 -2.74 -0.13
N TRP A 192 5.24 -3.58 -0.42
CA TRP A 192 5.02 -5.03 -0.42
C TRP A 192 4.60 -5.52 0.97
N GLN A 193 5.25 -5.00 1.99
CA GLN A 193 5.11 -5.46 3.36
C GLN A 193 3.81 -5.02 4.06
N LEU A 194 3.09 -4.06 3.49
CA LEU A 194 1.89 -3.55 4.12
C LEU A 194 0.63 -4.16 3.53
N ALA A 195 0.76 -5.27 2.80
CA ALA A 195 -0.39 -5.87 2.12
C ALA A 195 -1.60 -6.14 3.04
N TYR A 196 -1.35 -6.56 4.28
CA TYR A 196 -2.42 -6.88 5.23
C TYR A 196 -2.35 -6.10 6.54
N THR A 197 -1.47 -5.10 6.57
CA THR A 197 -1.31 -4.22 7.72
C THR A 197 -2.55 -3.34 7.97
N GLU A 198 -2.92 -3.19 9.25
CA GLU A 198 -4.01 -2.30 9.62
C GLU A 198 -3.50 -0.87 9.66
N PHE A 199 -4.21 0.05 9.01
CA PHE A 199 -3.79 1.47 8.95
C PHE A 199 -4.47 2.30 10.03
N TYR A 200 -3.68 3.11 10.72
CA TYR A 200 -4.18 4.06 11.69
C TYR A 200 -3.60 5.45 11.37
N PHE A 201 -4.48 6.39 11.04
CA PHE A 201 -4.07 7.73 10.68
C PHE A 201 -4.56 8.67 11.77
N THR A 202 -3.71 9.62 12.17
CA THR A 202 -4.07 10.59 13.18
C THR A 202 -3.60 11.97 12.76
N LYS A 203 -4.36 12.97 13.17
CA LYS A 203 -4.03 14.35 12.87
C LYS A 203 -2.90 14.85 13.75
N THR A 204 -2.69 14.19 14.87
CA THR A 204 -1.61 14.53 15.80
C THR A 204 -0.27 14.58 15.09
N LEU A 205 0.46 15.67 15.27
CA LEU A 205 1.77 15.83 14.64
C LEU A 205 2.78 15.01 15.42
N PHE A 206 3.81 14.50 14.74
CA PHE A 206 4.75 13.59 15.39
C PHE A 206 5.40 14.12 16.69
N PRO A 207 5.85 15.39 16.71
CA PRO A 207 6.40 15.89 17.99
C PRO A 207 5.39 15.96 19.14
N ASP A 208 4.09 15.91 18.85
CA ASP A 208 3.06 15.89 19.88
C ASP A 208 2.59 14.49 20.21
N PHE A 209 3.11 13.48 19.52
CA PHE A 209 2.58 12.13 19.65
C PHE A 209 3.10 11.46 20.93
N GLY A 210 2.22 11.26 21.91
CA GLY A 210 2.62 10.77 23.23
C GLY A 210 2.20 9.36 23.54
N GLU A 211 2.52 8.94 24.76
CA GLU A 211 2.13 7.64 25.30
C GLU A 211 0.63 7.37 25.15
N GLU A 212 -0.20 8.36 25.43
CA GLU A 212 -1.64 8.16 25.34
C GLU A 212 -2.10 8.04 23.89
N ASP A 213 -1.45 8.77 23.00
CA ASP A 213 -1.73 8.65 21.55
C ASP A 213 -1.40 7.25 21.05
N LEU A 214 -0.28 6.70 21.52
CA LEU A 214 0.13 5.36 21.13
C LEU A 214 -0.83 4.30 21.67
N LYS A 215 -1.24 4.47 22.93
CA LYS A 215 -2.20 3.54 23.54
C LYS A 215 -3.56 3.62 22.85
N GLU A 216 -3.99 4.83 22.52
CA GLU A 216 -5.21 4.98 21.76
C GLU A 216 -5.13 4.21 20.43
N ALA A 217 -3.97 4.25 19.78
CA ALA A 217 -3.75 3.54 18.51
C ALA A 217 -3.79 2.02 18.67
N ILE A 218 -3.15 1.50 19.71
CA ILE A 218 -3.14 0.05 19.97
C ILE A 218 -4.53 -0.45 20.36
N ILE A 219 -5.24 0.33 21.17
CA ILE A 219 -6.63 0.05 21.53
C ILE A 219 -7.50 0.03 20.28
N ASN A 220 -7.27 0.99 19.39
CA ASN A 220 -8.02 1.03 18.15
C ASN A 220 -7.75 -0.22 17.32
N PHE A 221 -6.50 -0.61 17.21
CA PHE A 221 -6.11 -1.82 16.46
C PHE A 221 -6.74 -3.11 17.02
N GLN A 222 -6.74 -3.25 18.35
CA GLN A 222 -7.31 -4.44 18.99
C GLN A 222 -8.79 -4.67 18.66
N GLN A 223 -9.54 -3.59 18.47
CA GLN A 223 -10.96 -3.67 18.12
C GLN A 223 -11.25 -4.16 16.70
N ARG A 224 -10.22 -4.26 15.86
CA ARG A 224 -10.43 -4.58 14.46
C ARG A 224 -10.28 -6.07 14.18
N HIS A 225 -11.24 -6.62 13.45
CA HIS A 225 -11.27 -8.05 13.13
C HIS A 225 -10.56 -8.30 11.81
N ARG A 226 -9.62 -9.24 11.84
CA ARG A 226 -8.74 -9.50 10.72
C ARG A 226 -9.03 -10.86 10.11
N MET B 1 -18.59 23.34 -4.15
CA MET B 1 -17.43 22.76 -3.44
C MET B 1 -16.76 21.65 -4.25
N LEU B 2 -17.53 20.64 -4.62
CA LEU B 2 -17.06 19.64 -5.58
C LEU B 2 -16.54 20.43 -6.79
N ASP B 3 -15.24 20.30 -7.09
CA ASP B 3 -14.63 21.04 -8.18
C ASP B 3 -14.55 20.13 -9.39
N GLU B 4 -15.48 20.36 -10.32
CA GLU B 4 -15.60 19.52 -11.51
C GLU B 4 -14.27 19.45 -12.26
N ALA B 5 -13.52 20.55 -12.23
CA ALA B 5 -12.24 20.64 -12.91
C ALA B 5 -11.06 19.99 -12.17
N LEU B 6 -11.30 19.35 -11.03
CA LEU B 6 -10.24 18.64 -10.29
C LEU B 6 -10.69 17.23 -9.91
N MET B 7 -11.40 16.57 -10.82
CA MET B 7 -11.83 15.19 -10.58
C MET B 7 -10.62 14.28 -10.54
N PRO B 8 -10.55 13.35 -9.58
CA PRO B 8 -9.55 12.31 -9.76
C PRO B 8 -9.81 11.57 -11.08
N LYS B 9 -8.74 11.19 -11.76
CA LYS B 9 -8.85 10.52 -13.05
C LYS B 9 -9.06 9.03 -12.83
N HIS B 10 -8.51 8.50 -11.74
CA HIS B 10 -8.50 7.07 -11.49
C HIS B 10 -8.89 6.82 -10.06
N ILE B 11 -10.03 6.17 -9.86
CA ILE B 11 -10.46 5.72 -8.54
C ILE B 11 -10.34 4.21 -8.42
N ALA B 12 -9.76 3.76 -7.32
CA ALA B 12 -9.73 2.35 -7.00
C ALA B 12 -10.70 2.13 -5.88
N LEU B 13 -11.27 0.92 -5.88
CA LEU B 13 -12.47 0.60 -5.15
C LEU B 13 -12.37 -0.78 -4.55
N ILE B 14 -12.34 -0.87 -3.23
CA ILE B 14 -12.39 -2.17 -2.55
C ILE B 14 -13.84 -2.39 -2.09
N MET B 15 -14.54 -3.28 -2.78
CA MET B 15 -15.99 -3.47 -2.66
C MET B 15 -16.32 -4.44 -1.52
N ASP B 16 -16.11 -3.99 -0.29
CA ASP B 16 -16.22 -4.85 0.89
C ASP B 16 -17.52 -4.62 1.68
N GLY B 17 -17.91 -5.59 2.50
CA GLY B 17 -19.11 -5.48 3.35
C GLY B 17 -20.36 -6.19 2.84
N ASN B 18 -20.23 -7.00 1.78
CA ASN B 18 -21.40 -7.62 1.14
C ASN B 18 -22.01 -8.76 1.96
N ARG B 19 -21.16 -9.56 2.60
CA ARG B 19 -21.64 -10.64 3.44
C ARG B 19 -22.33 -10.12 4.69
N ARG B 20 -21.70 -9.16 5.36
CA ARG B 20 -22.26 -8.58 6.56
C ARG B 20 -23.60 -7.90 6.27
N TRP B 21 -23.67 -7.14 5.18
CA TRP B 21 -24.91 -6.47 4.78
C TRP B 21 -26.09 -7.44 4.69
N ALA B 22 -25.85 -8.63 4.15
CA ALA B 22 -26.87 -9.64 3.97
C ALA B 22 -27.28 -10.20 5.34
N LYS B 23 -26.29 -10.62 6.12
CA LYS B 23 -26.53 -11.17 7.45
C LYS B 23 -27.10 -10.15 8.44
N ASP B 24 -26.85 -8.86 8.20
CA ASP B 24 -27.43 -7.80 9.01
C ASP B 24 -28.93 -7.69 8.75
N LYS B 25 -29.38 -8.21 7.61
CA LYS B 25 -30.79 -8.36 7.32
C LYS B 25 -31.21 -9.85 7.38
N GLY B 26 -30.43 -10.65 8.09
CA GLY B 26 -30.68 -12.08 8.23
C GLY B 26 -30.63 -12.92 6.97
N LEU B 27 -30.36 -12.30 5.83
CA LEU B 27 -30.40 -12.97 4.53
C LEU B 27 -29.20 -13.88 4.37
N ASP B 28 -29.22 -14.71 3.32
CA ASP B 28 -28.11 -15.59 3.01
C ASP B 28 -26.99 -14.80 2.31
N VAL B 29 -25.75 -15.17 2.62
CA VAL B 29 -24.54 -14.54 2.06
C VAL B 29 -24.64 -14.30 0.55
N SER B 30 -25.21 -15.27 -0.16
CA SER B 30 -25.37 -15.18 -1.62
C SER B 30 -26.17 -13.96 -2.08
N GLU B 31 -27.15 -13.54 -1.29
CA GLU B 31 -27.99 -12.39 -1.65
C GLU B 31 -27.24 -11.05 -1.59
N GLY B 32 -26.22 -10.97 -0.73
CA GLY B 32 -25.36 -9.79 -0.66
C GLY B 32 -24.50 -9.69 -1.90
N TYR B 33 -23.77 -10.76 -2.18
CA TYR B 33 -22.97 -10.90 -3.39
C TYR B 33 -23.68 -10.51 -4.71
N LYS B 34 -24.98 -10.77 -4.82
CA LYS B 34 -25.73 -10.43 -6.04
C LYS B 34 -25.89 -8.93 -6.27
N HIS B 35 -25.60 -8.12 -5.25
CA HIS B 35 -25.58 -6.65 -5.41
C HIS B 35 -24.27 -6.10 -6.02
N LEU B 36 -23.21 -6.92 -6.01
CA LEU B 36 -21.85 -6.47 -6.42
C LEU B 36 -21.83 -5.76 -7.77
N PHE B 37 -22.21 -6.48 -8.82
CA PHE B 37 -22.15 -5.93 -10.16
C PHE B 37 -23.18 -4.84 -10.46
N PRO B 38 -24.43 -4.96 -9.97
CA PRO B 38 -25.36 -3.86 -10.19
C PRO B 38 -24.93 -2.55 -9.52
N LYS B 39 -24.42 -2.65 -8.30
CA LYS B 39 -23.90 -1.49 -7.57
C LYS B 39 -22.69 -0.91 -8.33
N LEU B 40 -21.75 -1.78 -8.66
CA LEU B 40 -20.55 -1.35 -9.42
C LEU B 40 -20.95 -0.64 -10.70
N LYS B 41 -21.97 -1.15 -11.36
CA LYS B 41 -22.45 -0.58 -12.61
C LYS B 41 -23.01 0.82 -12.40
N GLU B 42 -23.75 0.98 -11.31
CA GLU B 42 -24.31 2.27 -10.94
C GLU B 42 -23.19 3.27 -10.59
N ILE B 43 -22.21 2.81 -9.81
CA ILE B 43 -21.04 3.62 -9.47
C ILE B 43 -20.33 4.09 -10.74
N CYS B 44 -20.21 3.22 -11.75
CA CYS B 44 -19.65 3.63 -13.05
C CYS B 44 -20.43 4.76 -13.71
N ASP B 45 -21.75 4.61 -13.71
CA ASP B 45 -22.61 5.61 -14.32
C ASP B 45 -22.49 6.96 -13.63
N ILE B 46 -22.52 6.93 -12.30
CA ILE B 46 -22.32 8.14 -11.50
C ILE B 46 -20.94 8.72 -11.84
N SER B 47 -19.90 7.89 -11.72
CA SER B 47 -18.51 8.33 -11.95
C SER B 47 -18.30 8.90 -13.36
N SER B 48 -18.95 8.30 -14.33
CA SER B 48 -18.86 8.76 -15.71
C SER B 48 -19.41 10.18 -15.86
N LYS B 49 -20.54 10.43 -15.22
CA LYS B 49 -21.16 11.75 -15.24
C LYS B 49 -20.22 12.81 -14.64
N LEU B 50 -19.50 12.44 -13.59
CA LEU B 50 -18.57 13.36 -12.94
C LEU B 50 -17.29 13.68 -13.72
N GLY B 51 -16.89 12.80 -14.64
CA GLY B 51 -15.67 12.99 -15.43
C GLY B 51 -14.52 12.08 -15.06
N ILE B 52 -14.79 11.11 -14.18
CA ILE B 52 -13.79 10.13 -13.79
C ILE B 52 -13.55 9.20 -14.98
N GLN B 53 -12.28 8.88 -15.24
CA GLN B 53 -11.90 8.18 -16.46
C GLN B 53 -11.62 6.71 -16.25
N VAL B 54 -11.16 6.33 -15.07
CA VAL B 54 -10.84 4.97 -14.76
C VAL B 54 -11.31 4.59 -13.36
N ILE B 55 -11.87 3.39 -13.24
CA ILE B 55 -12.13 2.75 -11.95
C ILE B 55 -11.47 1.38 -11.97
N THR B 56 -10.82 1.01 -10.87
CA THR B 56 -10.31 -0.34 -10.70
C THR B 56 -10.93 -0.91 -9.45
N ALA B 57 -11.73 -1.96 -9.62
CA ALA B 57 -12.54 -2.50 -8.54
C ALA B 57 -12.10 -3.90 -8.16
N PHE B 58 -11.92 -4.13 -6.87
CA PHE B 58 -11.44 -5.41 -6.36
C PHE B 58 -12.63 -6.38 -6.16
N ALA B 59 -12.79 -7.31 -7.10
CA ALA B 59 -13.93 -8.24 -7.09
C ALA B 59 -13.61 -9.59 -6.47
N PHE B 60 -12.37 -10.06 -6.60
CA PHE B 60 -11.98 -11.33 -6.00
C PHE B 60 -10.47 -11.40 -5.90
N SER B 61 -9.96 -11.64 -4.70
CA SER B 61 -8.52 -11.67 -4.46
C SER B 61 -7.95 -13.08 -4.58
N THR B 62 -6.64 -13.13 -4.74
CA THR B 62 -5.91 -14.39 -4.77
C THR B 62 -5.99 -15.14 -3.45
N GLU B 63 -6.39 -14.46 -2.37
CA GLU B 63 -6.60 -15.09 -1.06
C GLU B 63 -8.02 -15.60 -0.85
N ASN B 64 -8.98 -15.06 -1.60
CA ASN B 64 -10.39 -15.43 -1.43
C ASN B 64 -10.71 -16.90 -1.80
N TRP B 65 -9.75 -17.61 -2.39
CA TRP B 65 -9.88 -19.06 -2.60
C TRP B 65 -9.98 -19.85 -1.28
N LYS B 66 -9.41 -19.31 -0.21
CA LYS B 66 -9.47 -19.93 1.13
C LYS B 66 -10.86 -19.97 1.78
N ARG B 67 -11.82 -19.27 1.18
CA ARG B 67 -13.18 -19.23 1.68
C ARG B 67 -13.95 -20.53 1.49
N ALA B 68 -15.19 -20.54 1.96
CA ALA B 68 -16.07 -21.71 1.87
C ALA B 68 -16.32 -22.10 0.43
N LYS B 69 -16.09 -23.37 0.13
CA LYS B 69 -16.29 -23.92 -1.22
C LYS B 69 -17.60 -23.47 -1.89
N GLY B 70 -18.67 -23.38 -1.12
CA GLY B 70 -19.98 -23.00 -1.67
C GLY B 70 -20.05 -21.53 -2.00
N GLU B 71 -19.47 -20.71 -1.13
CA GLU B 71 -19.33 -19.27 -1.37
C GLU B 71 -18.48 -18.99 -2.61
N VAL B 72 -17.40 -19.75 -2.77
CA VAL B 72 -16.45 -19.56 -3.87
C VAL B 72 -17.09 -19.96 -5.19
N ASP B 73 -17.69 -21.15 -5.23
CA ASP B 73 -18.33 -21.65 -6.44
C ASP B 73 -19.54 -20.79 -6.83
N PHE B 74 -20.28 -20.27 -5.86
CA PHE B 74 -21.36 -19.32 -6.16
C PHE B 74 -20.81 -18.03 -6.77
N LEU B 75 -19.69 -17.56 -6.26
CA LEU B 75 -19.05 -16.33 -6.77
C LEU B 75 -18.57 -16.55 -8.20
N MET B 76 -17.81 -17.62 -8.41
CA MET B 76 -17.30 -17.95 -9.75
C MET B 76 -18.41 -18.05 -10.79
N GLN B 77 -19.54 -18.65 -10.41
CA GLN B 77 -20.68 -18.75 -11.31
C GLN B 77 -21.37 -17.40 -11.47
N MET B 78 -21.52 -16.65 -10.37
CA MET B 78 -22.08 -15.30 -10.45
C MET B 78 -21.25 -14.35 -11.33
N PHE B 79 -19.93 -14.46 -11.27
CA PHE B 79 -19.07 -13.55 -12.05
C PHE B 79 -19.33 -13.62 -13.54
N GLU B 80 -19.82 -14.77 -14.02
CA GLU B 80 -20.18 -14.94 -15.44
C GLU B 80 -21.27 -13.97 -15.88
N GLU B 81 -21.95 -13.34 -14.93
CA GLU B 81 -22.99 -12.35 -15.23
C GLU B 81 -22.45 -10.99 -15.67
N LEU B 82 -21.12 -10.84 -15.67
CA LEU B 82 -20.49 -9.58 -16.07
C LEU B 82 -20.84 -9.17 -17.50
N TYR B 83 -21.08 -10.14 -18.38
CA TYR B 83 -21.44 -9.82 -19.77
C TYR B 83 -22.82 -9.19 -19.85
N ASP B 84 -23.79 -9.81 -19.19
CA ASP B 84 -25.15 -9.26 -19.13
C ASP B 84 -25.13 -7.87 -18.51
N GLU B 85 -24.39 -7.73 -17.43
CA GLU B 85 -24.34 -6.48 -16.68
C GLU B 85 -23.70 -5.35 -17.49
N PHE B 86 -22.58 -5.63 -18.17
CA PHE B 86 -21.73 -4.58 -18.74
C PHE B 86 -21.65 -4.48 -20.26
N SER B 87 -21.96 -5.55 -20.99
CA SER B 87 -21.81 -5.54 -22.44
C SER B 87 -22.57 -4.45 -23.18
N ARG B 88 -23.67 -3.95 -22.62
CA ARG B 88 -24.44 -2.85 -23.23
C ARG B 88 -24.38 -1.56 -22.41
N SER B 89 -23.53 -1.54 -21.38
CA SER B 89 -23.40 -0.39 -20.47
C SER B 89 -22.77 0.87 -21.07
N GLY B 90 -21.96 0.73 -22.10
CA GLY B 90 -21.19 1.88 -22.59
C GLY B 90 -19.83 2.04 -21.88
N VAL B 91 -19.62 1.24 -20.84
CA VAL B 91 -18.35 1.13 -20.15
C VAL B 91 -17.40 0.19 -20.92
N ARG B 92 -16.12 0.59 -21.01
CA ARG B 92 -15.07 -0.31 -21.53
C ARG B 92 -14.58 -1.16 -20.38
N VAL B 93 -14.60 -2.48 -20.56
CA VAL B 93 -14.27 -3.38 -19.46
C VAL B 93 -12.99 -4.17 -19.73
N SER B 94 -12.15 -4.25 -18.69
CA SER B 94 -10.95 -5.10 -18.68
C SER B 94 -10.92 -5.84 -17.36
N ILE B 95 -10.28 -7.01 -17.35
CA ILE B 95 -10.08 -7.78 -16.14
C ILE B 95 -8.57 -7.89 -15.92
N ILE B 96 -8.14 -7.87 -14.65
CA ILE B 96 -6.76 -8.14 -14.28
C ILE B 96 -6.75 -9.23 -13.22
N GLY B 97 -5.64 -9.94 -13.14
CA GLY B 97 -5.52 -11.12 -12.29
C GLY B 97 -5.30 -12.36 -13.15
N CYS B 98 -5.19 -13.50 -12.49
CA CYS B 98 -4.81 -14.75 -13.17
C CYS B 98 -6.02 -15.42 -13.81
N LYS B 99 -6.25 -15.11 -15.08
CA LYS B 99 -7.41 -15.62 -15.80
C LYS B 99 -7.42 -17.15 -15.94
N THR B 100 -6.25 -17.76 -16.07
CA THR B 100 -6.16 -19.18 -16.39
C THR B 100 -6.37 -20.12 -15.19
N ASP B 101 -6.40 -19.57 -13.98
CA ASP B 101 -6.78 -20.34 -12.78
C ASP B 101 -8.28 -20.30 -12.51
N LEU B 102 -9.04 -19.64 -13.37
CA LEU B 102 -10.50 -19.54 -13.24
C LEU B 102 -11.15 -20.68 -14.02
N PRO B 103 -12.43 -20.99 -13.71
CA PRO B 103 -13.23 -21.87 -14.55
C PRO B 103 -13.23 -21.40 -16.00
N MET B 104 -13.01 -22.33 -16.92
CA MET B 104 -12.90 -22.01 -18.34
C MET B 104 -14.11 -21.23 -18.85
N THR B 105 -15.29 -21.55 -18.31
CA THR B 105 -16.52 -20.87 -18.70
C THR B 105 -16.47 -19.35 -18.42
N LEU B 106 -15.95 -18.99 -17.25
CA LEU B 106 -15.79 -17.59 -16.86
C LEU B 106 -14.71 -16.89 -17.71
N GLN B 107 -13.64 -17.62 -18.03
CA GLN B 107 -12.60 -17.08 -18.92
C GLN B 107 -13.16 -16.64 -20.26
N LYS B 108 -14.17 -17.35 -20.74
CA LYS B 108 -14.80 -17.04 -22.04
C LYS B 108 -15.79 -15.91 -21.90
N CYS B 109 -16.52 -15.87 -20.79
CA CYS B 109 -17.37 -14.73 -20.47
C CYS B 109 -16.55 -13.43 -20.42
N ILE B 110 -15.37 -13.49 -19.81
CA ILE B 110 -14.45 -12.36 -19.70
C ILE B 110 -14.00 -11.88 -21.07
N ALA B 111 -13.42 -12.80 -21.85
CA ALA B 111 -12.95 -12.50 -23.20
C ALA B 111 -14.01 -11.84 -24.08
N LEU B 112 -15.25 -12.27 -23.93
CA LEU B 112 -16.34 -11.75 -24.75
C LEU B 112 -16.72 -10.36 -24.28
N THR B 113 -16.74 -10.17 -22.97
CA THR B 113 -17.05 -8.84 -22.41
C THR B 113 -15.99 -7.80 -22.78
N GLU B 114 -14.72 -8.20 -22.72
CA GLU B 114 -13.62 -7.31 -23.11
C GLU B 114 -13.71 -7.00 -24.60
N GLU B 115 -13.92 -8.04 -25.41
CA GLU B 115 -14.02 -7.84 -26.86
C GLU B 115 -15.23 -6.98 -27.22
N THR B 116 -16.34 -7.22 -26.55
CA THR B 116 -17.59 -6.53 -26.88
C THR B 116 -17.53 -5.04 -26.53
N THR B 117 -16.80 -4.71 -25.47
CA THR B 117 -16.79 -3.33 -24.97
C THR B 117 -15.53 -2.56 -25.30
N LYS B 118 -14.60 -3.16 -26.04
CA LYS B 118 -13.28 -2.55 -26.25
C LYS B 118 -13.32 -1.28 -27.10
N GLY B 119 -14.38 -1.12 -27.90
CA GLY B 119 -14.60 0.10 -28.68
C GLY B 119 -15.24 1.24 -27.92
N ASN B 120 -15.70 1.00 -26.69
CA ASN B 120 -16.34 2.07 -25.91
C ASN B 120 -15.34 3.17 -25.54
N LYS B 121 -15.71 4.42 -25.81
CA LYS B 121 -14.81 5.55 -25.64
C LYS B 121 -14.98 6.36 -24.33
N GLY B 122 -15.80 5.87 -23.40
CA GLY B 122 -15.96 6.54 -22.10
C GLY B 122 -15.14 5.91 -20.98
N LEU B 123 -15.77 5.78 -19.82
CA LEU B 123 -15.15 5.25 -18.62
C LEU B 123 -14.51 3.89 -18.86
N HIS B 124 -13.34 3.67 -18.26
CA HIS B 124 -12.68 2.38 -18.32
C HIS B 124 -12.75 1.69 -16.96
N LEU B 125 -13.47 0.58 -16.91
CA LEU B 125 -13.59 -0.23 -15.70
C LEU B 125 -12.70 -1.44 -15.74
N VAL B 126 -11.82 -1.53 -14.75
CA VAL B 126 -10.91 -2.61 -14.63
C VAL B 126 -11.39 -3.44 -13.46
N ILE B 127 -11.82 -4.67 -13.73
CA ILE B 127 -12.23 -5.57 -12.68
C ILE B 127 -11.07 -6.44 -12.30
N ALA B 128 -10.66 -6.36 -11.03
CA ALA B 128 -9.58 -7.17 -10.52
C ALA B 128 -10.16 -8.45 -9.92
N LEU B 129 -9.94 -9.54 -10.61
CA LEU B 129 -10.65 -10.79 -10.38
C LEU B 129 -9.60 -11.88 -10.30
N ASN B 130 -9.46 -12.50 -9.14
CA ASN B 130 -8.32 -13.38 -8.86
C ASN B 130 -6.99 -12.61 -9.02
N TYR B 131 -6.97 -11.40 -8.48
CA TYR B 131 -5.82 -10.53 -8.55
C TYR B 131 -5.29 -10.36 -7.16
N GLY B 132 -4.00 -10.10 -7.07
CA GLY B 132 -3.43 -9.62 -5.84
C GLY B 132 -2.27 -8.71 -6.17
N GLY B 133 -1.84 -7.92 -5.20
CA GLY B 133 -0.68 -7.08 -5.35
C GLY B 133 0.59 -7.91 -5.48
N TYR B 134 0.73 -8.92 -4.63
CA TYR B 134 1.88 -9.82 -4.71
C TYR B 134 1.92 -10.46 -6.08
N TYR B 135 0.78 -10.96 -6.52
CA TYR B 135 0.67 -11.63 -7.83
C TYR B 135 1.14 -10.72 -8.96
N ASP B 136 0.73 -9.45 -8.92
CA ASP B 136 1.05 -8.50 -9.97
C ASP B 136 2.56 -8.29 -10.03
N ILE B 137 3.19 -8.08 -8.88
CA ILE B 137 4.62 -7.85 -8.79
C ILE B 137 5.42 -9.10 -9.20
N LEU B 138 4.97 -10.27 -8.75
CA LEU B 138 5.64 -11.54 -9.10
C LEU B 138 5.57 -11.84 -10.59
N GLN B 139 4.40 -11.60 -11.20
CA GLN B 139 4.25 -11.83 -12.64
C GLN B 139 5.04 -10.82 -13.46
N ALA B 140 5.17 -9.59 -12.96
CA ALA B 140 6.01 -8.59 -13.62
C ALA B 140 7.47 -9.03 -13.59
N THR B 141 7.88 -9.55 -12.44
CA THR B 141 9.25 -9.99 -12.20
C THR B 141 9.65 -11.22 -13.06
N LYS B 142 8.75 -12.20 -13.14
CA LYS B 142 8.95 -13.34 -14.03
C LYS B 142 9.10 -12.87 -15.46
N SER B 143 8.19 -12.00 -15.90
CA SER B 143 8.29 -11.40 -17.23
C SER B 143 9.63 -10.73 -17.48
N ILE B 144 10.12 -9.97 -16.51
CA ILE B 144 11.39 -9.28 -16.64
C ILE B 144 12.59 -10.25 -16.66
N VAL B 145 12.49 -11.33 -15.89
CA VAL B 145 13.51 -12.36 -15.88
C VAL B 145 13.55 -13.12 -17.20
N ASN B 146 12.39 -13.46 -17.76
CA ASN B 146 12.32 -14.09 -19.07
C ASN B 146 12.96 -13.23 -20.16
N LYS B 147 12.69 -11.93 -20.15
CA LYS B 147 13.29 -11.02 -21.13
C LYS B 147 14.79 -10.88 -20.90
N ALA B 148 15.20 -10.76 -19.64
CA ALA B 148 16.61 -10.68 -19.27
C ALA B 148 17.43 -11.83 -19.85
N MET B 149 16.94 -13.05 -19.68
CA MET B 149 17.68 -14.24 -20.09
C MET B 149 17.62 -14.52 -21.60
N ASN B 150 16.65 -13.95 -22.29
CA ASN B 150 16.57 -14.07 -23.75
C ASN B 150 17.19 -12.87 -24.48
N GLY B 151 18.01 -12.08 -23.78
CA GLY B 151 18.69 -10.94 -24.39
C GLY B 151 17.78 -9.76 -24.70
N LEU B 152 16.52 -9.83 -24.29
CA LEU B 152 15.53 -8.83 -24.65
C LEU B 152 15.65 -7.55 -23.82
N LEU B 153 16.26 -7.64 -22.64
CA LEU B 153 16.68 -6.44 -21.91
C LEU B 153 17.87 -6.72 -21.00
N ASP B 154 18.55 -5.65 -20.59
CA ASP B 154 19.66 -5.75 -19.66
C ASP B 154 19.17 -5.53 -18.23
N VAL B 155 19.87 -6.10 -17.26
CA VAL B 155 19.60 -5.84 -15.84
C VAL B 155 19.68 -4.34 -15.52
N GLU B 156 20.39 -3.59 -16.36
CA GLU B 156 20.54 -2.15 -16.21
C GLU B 156 19.27 -1.36 -16.58
N ASP B 157 18.38 -1.97 -17.36
CA ASP B 157 17.12 -1.34 -17.76
C ASP B 157 16.06 -1.47 -16.68
N ILE B 158 16.35 -2.18 -15.59
CA ILE B 158 15.37 -2.42 -14.54
C ILE B 158 15.23 -1.18 -13.67
N ASN B 159 14.15 -0.45 -13.89
CA ASN B 159 13.83 0.70 -13.08
C ASN B 159 12.32 0.82 -12.93
N LYS B 160 11.89 1.84 -12.19
CA LYS B 160 10.50 2.04 -11.87
C LYS B 160 9.63 2.05 -13.14
N ASN B 161 10.10 2.79 -14.14
CA ASN B 161 9.40 2.93 -15.39
C ASN B 161 9.18 1.59 -16.09
N LEU B 162 10.19 0.71 -16.06
CA LEU B 162 10.01 -0.64 -16.57
C LEU B 162 8.92 -1.41 -15.81
N PHE B 163 8.95 -1.35 -14.49
CA PHE B 163 7.95 -2.06 -13.66
C PHE B 163 6.55 -1.54 -13.97
N ASP B 164 6.40 -0.22 -14.07
CA ASP B 164 5.13 0.36 -14.52
C ASP B 164 4.55 -0.28 -15.80
N GLN B 165 5.40 -0.62 -16.75
CA GLN B 165 4.92 -1.23 -18.00
C GLN B 165 4.67 -2.74 -17.91
N GLU B 166 5.26 -3.44 -16.95
CA GLU B 166 5.07 -4.90 -16.82
C GLU B 166 3.90 -5.30 -15.93
N LEU B 167 3.58 -4.44 -14.97
CA LEU B 167 2.44 -4.65 -14.10
C LEU B 167 1.12 -4.62 -14.88
N GLU B 168 0.11 -5.29 -14.33
CA GLU B 168 -1.20 -5.38 -14.97
C GLU B 168 -2.04 -4.14 -14.78
N SER B 169 -2.01 -3.57 -13.57
CA SER B 169 -2.67 -2.30 -13.34
C SER B 169 -1.69 -1.19 -13.72
N LYS B 170 -2.12 -0.34 -14.66
CA LYS B 170 -1.25 0.60 -15.37
C LYS B 170 -1.37 2.04 -14.91
N CYS B 171 -0.42 2.86 -15.38
CA CYS B 171 -0.51 4.29 -15.27
C CYS B 171 -1.71 4.83 -16.06
N PRO B 172 -2.33 5.92 -15.57
CA PRO B 172 -2.02 6.58 -14.30
C PRO B 172 -2.56 5.77 -13.14
N ASN B 173 -1.80 5.74 -12.05
CA ASN B 173 -2.20 5.07 -10.83
C ASN B 173 -3.39 5.76 -10.14
N PRO B 174 -4.07 5.05 -9.23
CA PRO B 174 -5.24 5.66 -8.57
C PRO B 174 -4.86 6.91 -7.79
N ASP B 175 -5.65 7.97 -7.96
CA ASP B 175 -5.59 9.17 -7.12
C ASP B 175 -6.18 8.90 -5.74
N LEU B 176 -7.23 8.06 -5.71
CA LEU B 176 -8.10 7.89 -4.58
C LEU B 176 -8.52 6.44 -4.47
N LEU B 177 -8.34 5.85 -3.28
CA LEU B 177 -8.85 4.52 -2.98
C LEU B 177 -10.04 4.63 -2.04
N ILE B 178 -11.14 4.00 -2.42
CA ILE B 178 -12.32 3.92 -1.56
C ILE B 178 -12.56 2.48 -1.12
N ARG B 179 -12.51 2.25 0.18
CA ARG B 179 -12.88 0.95 0.72
C ARG B 179 -14.13 1.05 1.57
N THR B 180 -15.16 0.30 1.17
CA THR B 180 -16.40 0.21 1.94
C THR B 180 -16.24 -0.82 3.03
N GLY B 181 -17.16 -0.83 3.99
CA GLY B 181 -17.18 -1.88 5.02
C GLY B 181 -16.41 -1.63 6.30
N GLY B 182 -15.70 -0.51 6.37
CA GLY B 182 -15.07 -0.08 7.63
C GLY B 182 -13.70 -0.60 7.97
N ASP B 183 -13.19 -1.61 7.25
CA ASP B 183 -11.84 -2.10 7.53
C ASP B 183 -10.84 -1.09 6.93
N GLN B 184 -9.71 -0.90 7.60
CA GLN B 184 -8.69 0.07 7.19
C GLN B 184 -7.41 -0.64 6.82
N ARG B 185 -7.46 -1.33 5.69
CA ARG B 185 -6.34 -2.08 5.14
C ARG B 185 -6.58 -2.15 3.65
N VAL B 186 -5.53 -2.48 2.89
CA VAL B 186 -5.64 -2.63 1.43
C VAL B 186 -5.77 -4.09 0.99
N SER B 187 -5.52 -5.03 1.90
CA SER B 187 -5.76 -6.46 1.69
C SER B 187 -5.21 -6.94 0.36
N ASN B 188 -3.91 -6.72 0.15
CA ASN B 188 -3.21 -7.20 -1.04
C ASN B 188 -3.88 -6.77 -2.36
N PHE B 189 -4.34 -5.52 -2.42
CA PHE B 189 -4.89 -4.96 -3.67
C PHE B 189 -3.73 -4.39 -4.50
N LEU B 190 -3.82 -3.16 -5.00
CA LEU B 190 -2.87 -2.64 -5.96
C LEU B 190 -1.60 -2.06 -5.31
N LEU B 191 -0.82 -2.90 -4.66
CA LEU B 191 0.27 -2.47 -3.77
C LEU B 191 1.28 -1.47 -4.37
N TRP B 192 1.91 -1.83 -5.48
CA TRP B 192 2.86 -0.94 -6.12
C TRP B 192 2.18 0.39 -6.53
N GLN B 193 0.96 0.25 -7.06
CA GLN B 193 0.22 1.35 -7.67
C GLN B 193 -0.41 2.31 -6.64
N LEU B 194 -0.46 1.87 -5.38
CA LEU B 194 -1.04 2.68 -4.30
C LEU B 194 -0.02 3.49 -3.50
N ALA B 195 1.19 3.64 -4.02
CA ALA B 195 2.28 4.28 -3.28
C ALA B 195 1.98 5.71 -2.85
N TYR B 196 1.27 6.47 -3.67
CA TYR B 196 0.88 7.85 -3.32
C TYR B 196 -0.62 8.09 -3.30
N THR B 197 -1.39 7.01 -3.37
CA THR B 197 -2.82 7.11 -3.43
C THR B 197 -3.38 7.61 -2.11
N GLU B 198 -4.31 8.53 -2.21
CA GLU B 198 -5.08 8.98 -1.04
C GLU B 198 -6.10 7.88 -0.64
N PHE B 199 -6.10 7.50 0.63
CA PHE B 199 -7.05 6.49 1.12
C PHE B 199 -8.26 7.11 1.82
N TYR B 200 -9.43 6.59 1.50
CA TYR B 200 -10.69 6.98 2.11
C TYR B 200 -11.43 5.71 2.53
N PHE B 201 -11.65 5.56 3.83
CA PHE B 201 -12.32 4.41 4.38
C PHE B 201 -13.68 4.84 4.90
N THR B 202 -14.73 4.10 4.53
CA THR B 202 -16.10 4.41 4.94
C THR B 202 -16.77 3.17 5.52
N LYS B 203 -17.51 3.36 6.62
CA LYS B 203 -18.23 2.24 7.27
C LYS B 203 -19.43 1.75 6.46
N THR B 204 -19.91 2.57 5.54
CA THR B 204 -20.99 2.17 4.64
C THR B 204 -20.63 0.84 3.98
N LEU B 205 -21.58 -0.07 4.01
CA LEU B 205 -21.44 -1.35 3.36
C LEU B 205 -21.61 -1.11 1.88
N PHE B 206 -20.96 -1.94 1.06
CA PHE B 206 -20.96 -1.73 -0.39
C PHE B 206 -22.35 -1.61 -1.02
N PRO B 207 -23.30 -2.50 -0.62
CA PRO B 207 -24.64 -2.40 -1.24
C PRO B 207 -25.43 -1.12 -0.88
N ASP B 208 -25.03 -0.44 0.21
CA ASP B 208 -25.62 0.87 0.57
C ASP B 208 -24.83 2.08 0.05
N PHE B 209 -23.78 1.85 -0.74
CA PHE B 209 -22.90 2.94 -1.18
C PHE B 209 -23.55 3.66 -2.35
N GLY B 210 -23.73 4.96 -2.22
CA GLY B 210 -24.42 5.73 -3.23
C GLY B 210 -23.68 6.97 -3.69
N GLU B 211 -24.33 7.71 -4.57
CA GLU B 211 -23.79 8.95 -5.15
C GLU B 211 -23.29 9.94 -4.11
N GLU B 212 -24.00 10.05 -2.98
CA GLU B 212 -23.60 10.98 -1.92
C GLU B 212 -22.30 10.56 -1.28
N ASP B 213 -22.17 9.27 -1.02
CA ASP B 213 -20.96 8.73 -0.40
C ASP B 213 -19.74 8.87 -1.30
N LEU B 214 -19.97 8.81 -2.61
CA LEU B 214 -18.89 8.95 -3.58
C LEU B 214 -18.46 10.41 -3.63
N LYS B 215 -19.45 11.31 -3.70
CA LYS B 215 -19.20 12.75 -3.73
C LYS B 215 -18.49 13.22 -2.46
N GLU B 216 -18.85 12.63 -1.34
CA GLU B 216 -18.20 12.91 -0.08
C GLU B 216 -16.73 12.53 -0.13
N ALA B 217 -16.43 11.38 -0.74
CA ALA B 217 -15.05 10.90 -0.86
C ALA B 217 -14.21 11.83 -1.72
N ILE B 218 -14.79 12.28 -2.83
CA ILE B 218 -14.11 13.17 -3.76
C ILE B 218 -13.87 14.56 -3.16
N ILE B 219 -14.87 15.14 -2.51
CA ILE B 219 -14.67 16.42 -1.82
C ILE B 219 -13.54 16.25 -0.80
N ASN B 220 -13.62 15.18 -0.03
CA ASN B 220 -12.59 14.85 0.93
C ASN B 220 -11.20 14.82 0.30
N PHE B 221 -11.08 14.06 -0.78
CA PHE B 221 -9.84 13.97 -1.56
C PHE B 221 -9.34 15.35 -2.00
N GLN B 222 -10.24 16.18 -2.51
CA GLN B 222 -9.88 17.52 -3.02
C GLN B 222 -9.40 18.50 -1.93
N GLN B 223 -9.78 18.26 -0.67
CA GLN B 223 -9.35 19.13 0.43
C GLN B 223 -8.01 18.72 1.04
N ARG B 224 -7.47 17.59 0.62
CA ARG B 224 -6.16 17.13 1.07
C ARG B 224 -5.24 16.88 -0.13
N HIS B 225 -5.41 17.70 -1.18
CA HIS B 225 -4.72 17.50 -2.45
C HIS B 225 -3.35 18.18 -2.45
N ARG B 226 -2.29 17.37 -2.49
CA ARG B 226 -0.92 17.87 -2.40
C ARG B 226 -0.25 17.80 -3.77
#